data_1WVB
#
_entry.id   1WVB
#
_cell.length_a   90.272
_cell.length_b   90.272
_cell.length_c   69.305
_cell.angle_alpha   90.00
_cell.angle_beta   90.00
_cell.angle_gamma   120.00
#
_symmetry.space_group_name_H-M   'P 3'
#
loop_
_entity.id
_entity.type
_entity.pdbx_description
1 polymer 'Arginase 1'
2 non-polymer 'MANGANESE (II) ION'
3 non-polymer S-2-(BORONOETHYL)-L-CYSTEINE
4 water water
#
_entity_poly.entity_id   1
_entity_poly.type   'polypeptide(L)'
_entity_poly.pdbx_seq_one_letter_code
;MSAKSRTIGIIGAPFSKGQPRGGVEEGPTVLRKAGLLEKLKEQECDVKDYGDLPFADIPNDSPFQIVKNPRSVGKASEQL
AGKVAEVKKNGRISLVLGGDHSLAIGSISGHARVHPDLGVIWVDAHTDINTPLTTTSGNLHGQPVSFLLKELKGKIPDVP
GFSWVTPCISAKDIVYIGLRDVDPGEHYILKTLGIKYFSMTEVDRLGIGKVMEETLSYLLGRKKRPIHLSFDVDGLDPSF
TPATGTPVVGGLTYRQGLYITEEIYKTGLLSGLDIMEVNPSLGKTPEEVTRTVNTAVAITLACFGLAREGNHKPIDYLNP
PK
;
_entity_poly.pdbx_strand_id   A,B
#
loop_
_chem_comp.id
_chem_comp.type
_chem_comp.name
_chem_comp.formula
MN non-polymer 'MANGANESE (II) ION' 'Mn 2'
#
# COMPACT_ATOMS: atom_id res chain seq x y z
N SER A 5 -33.22 -34.14 11.75
CA SER A 5 -33.89 -32.85 11.40
C SER A 5 -32.91 -31.69 11.56
N ARG A 6 -33.32 -30.73 12.40
CA ARG A 6 -32.52 -29.55 12.69
C ARG A 6 -32.53 -29.33 14.19
N THR A 7 -31.37 -29.56 14.80
CA THR A 7 -31.18 -29.42 16.24
C THR A 7 -30.87 -27.96 16.60
N ILE A 8 -31.48 -27.48 17.68
CA ILE A 8 -31.26 -26.10 18.09
C ILE A 8 -30.30 -25.99 19.25
N GLY A 9 -29.46 -24.96 19.20
CA GLY A 9 -28.50 -24.74 20.26
C GLY A 9 -28.69 -23.35 20.82
N ILE A 10 -29.35 -23.28 21.98
CA ILE A 10 -29.63 -22.01 22.65
C ILE A 10 -28.48 -21.48 23.51
N ILE A 11 -28.27 -20.17 23.41
CA ILE A 11 -27.25 -19.43 24.15
C ILE A 11 -27.85 -18.11 24.59
N GLY A 12 -28.11 -17.96 25.88
CA GLY A 12 -28.66 -16.69 26.36
C GLY A 12 -27.51 -15.71 26.45
N ALA A 13 -27.73 -14.45 26.09
CA ALA A 13 -26.66 -13.46 26.12
C ALA A 13 -27.11 -12.08 26.64
N PRO A 14 -27.35 -11.95 27.95
CA PRO A 14 -27.79 -10.70 28.58
C PRO A 14 -26.75 -9.57 28.62
N PHE A 15 -26.20 -9.23 27.45
CA PHE A 15 -25.18 -8.17 27.32
C PHE A 15 -25.77 -6.83 26.86
N SER A 16 -25.27 -5.72 27.39
CA SER A 16 -25.79 -4.40 27.01
C SER A 16 -24.72 -3.32 26.87
N LYS A 17 -23.48 -3.63 27.24
CA LYS A 17 -22.42 -2.63 27.16
C LYS A 17 -21.94 -2.31 25.74
N GLY A 18 -22.77 -2.63 24.76
CA GLY A 18 -22.44 -2.34 23.37
C GLY A 18 -23.23 -1.10 22.98
N GLN A 19 -23.96 -0.58 23.94
CA GLN A 19 -24.78 0.61 23.75
C GLN A 19 -25.21 1.14 25.11
N PRO A 20 -25.84 2.32 25.16
CA PRO A 20 -26.32 2.98 26.38
C PRO A 20 -27.41 2.35 27.27
N ARG A 21 -28.58 2.01 26.72
CA ARG A 21 -29.64 1.44 27.55
C ARG A 21 -29.40 -0.03 27.93
N GLY A 22 -29.23 -0.31 29.22
CA GLY A 22 -28.97 -1.65 29.68
C GLY A 22 -30.06 -2.71 29.56
N GLY A 23 -31.32 -2.33 29.74
CA GLY A 23 -32.44 -3.26 29.67
C GLY A 23 -32.38 -4.41 28.66
N VAL A 24 -31.73 -4.15 27.52
CA VAL A 24 -31.60 -5.13 26.46
C VAL A 24 -31.11 -6.49 26.97
N GLU A 25 -30.58 -6.51 28.19
CA GLU A 25 -30.09 -7.74 28.78
C GLU A 25 -31.30 -8.60 29.20
N GLU A 26 -32.47 -7.98 29.25
CA GLU A 26 -33.72 -8.64 29.62
C GLU A 26 -34.20 -9.61 28.54
N GLY A 27 -33.70 -9.42 27.32
CA GLY A 27 -34.09 -10.28 26.21
C GLY A 27 -34.16 -11.77 26.46
N PRO A 28 -33.05 -12.45 26.76
CA PRO A 28 -33.10 -13.89 27.00
C PRO A 28 -34.20 -14.25 28.00
N THR A 29 -34.25 -13.49 29.08
CA THR A 29 -35.24 -13.68 30.13
C THR A 29 -36.64 -13.65 29.55
N VAL A 30 -37.05 -12.47 29.11
CA VAL A 30 -38.38 -12.27 28.56
C VAL A 30 -38.68 -13.27 27.45
N LEU A 31 -37.72 -13.44 26.55
CA LEU A 31 -37.88 -14.37 25.44
C LEU A 31 -38.23 -15.75 25.98
N ARG A 32 -37.39 -16.25 26.88
CA ARG A 32 -37.59 -17.56 27.47
C ARG A 32 -38.94 -17.68 28.19
N LYS A 33 -39.24 -16.71 29.07
CA LYS A 33 -40.48 -16.72 29.83
C LYS A 33 -41.73 -16.57 28.97
N ALA A 34 -41.54 -16.15 27.72
CA ALA A 34 -42.67 -16.00 26.80
C ALA A 34 -43.06 -17.36 26.25
N GLY A 35 -42.29 -18.39 26.63
CA GLY A 35 -42.55 -19.76 26.20
C GLY A 35 -41.83 -20.19 24.93
N LEU A 36 -40.63 -19.67 24.72
CA LEU A 36 -39.91 -20.00 23.51
C LEU A 36 -39.51 -21.47 23.37
N LEU A 37 -39.06 -22.08 24.46
CA LEU A 37 -38.64 -23.48 24.38
C LEU A 37 -39.75 -24.44 24.01
N GLU A 38 -40.84 -24.39 24.77
CA GLU A 38 -41.97 -25.26 24.52
C GLU A 38 -42.54 -25.12 23.11
N LYS A 39 -42.60 -23.88 22.63
CA LYS A 39 -43.11 -23.59 21.29
C LYS A 39 -42.25 -24.23 20.20
N LEU A 40 -40.93 -24.11 20.36
CA LEU A 40 -40.00 -24.72 19.42
C LEU A 40 -40.27 -26.21 19.49
N LYS A 41 -40.37 -26.73 20.72
CA LYS A 41 -40.63 -28.15 20.96
C LYS A 41 -41.92 -28.61 20.29
N GLU A 42 -42.97 -27.79 20.39
CA GLU A 42 -44.25 -28.09 19.77
C GLU A 42 -44.03 -28.42 18.30
N GLN A 43 -42.92 -27.93 17.78
CA GLN A 43 -42.52 -28.18 16.39
C GLN A 43 -41.58 -29.37 16.39
N GLU A 44 -40.87 -29.58 15.28
CA GLU A 44 -39.93 -30.68 15.21
C GLU A 44 -38.52 -30.15 15.45
N CYS A 45 -37.99 -30.39 16.64
CA CYS A 45 -36.64 -29.90 16.94
C CYS A 45 -36.10 -30.27 18.32
N ASP A 46 -34.82 -30.62 18.36
CA ASP A 46 -34.17 -30.95 19.61
C ASP A 46 -33.53 -29.67 20.11
N VAL A 47 -34.23 -29.01 21.01
CA VAL A 47 -33.74 -27.76 21.56
C VAL A 47 -32.68 -28.07 22.61
N LYS A 48 -31.50 -27.49 22.43
CA LYS A 48 -30.39 -27.68 23.36
C LYS A 48 -30.16 -26.33 24.03
N ASP A 49 -30.57 -26.22 25.30
CA ASP A 49 -30.45 -24.96 26.03
C ASP A 49 -29.12 -24.80 26.75
N TYR A 50 -28.10 -24.34 26.04
CA TYR A 50 -26.78 -24.14 26.61
C TYR A 50 -26.75 -23.02 27.64
N GLY A 51 -27.93 -22.51 28.01
CA GLY A 51 -28.04 -21.46 29.01
C GLY A 51 -27.62 -20.04 28.65
N ASP A 52 -27.60 -19.18 29.67
CA ASP A 52 -27.20 -17.79 29.50
C ASP A 52 -25.76 -17.66 29.93
N LEU A 53 -24.92 -17.16 29.03
CA LEU A 53 -23.50 -16.97 29.32
C LEU A 53 -23.33 -15.94 30.42
N PRO A 54 -22.54 -16.27 31.44
CA PRO A 54 -22.33 -15.29 32.51
C PRO A 54 -21.24 -14.34 32.08
N PHE A 55 -21.55 -13.05 32.07
CA PHE A 55 -20.58 -12.03 31.68
C PHE A 55 -20.12 -11.28 32.92
N ALA A 56 -18.81 -11.31 33.18
CA ALA A 56 -18.25 -10.60 34.34
C ALA A 56 -17.87 -9.21 33.88
N ASP A 57 -18.47 -8.20 34.51
CA ASP A 57 -18.19 -6.83 34.10
C ASP A 57 -16.71 -6.53 34.24
N ILE A 58 -16.18 -5.77 33.30
CA ILE A 58 -14.78 -5.39 33.31
C ILE A 58 -14.58 -4.12 34.15
N PRO A 59 -14.07 -4.31 35.38
CA PRO A 59 -13.82 -3.21 36.32
C PRO A 59 -13.23 -1.94 35.70
N ASN A 60 -12.10 -2.08 35.00
CA ASN A 60 -11.44 -0.95 34.37
C ASN A 60 -11.53 -0.99 32.85
N ASP A 61 -12.70 -0.61 32.33
CA ASP A 61 -12.88 -0.62 30.88
C ASP A 61 -12.96 0.78 30.27
N SER A 62 -11.84 1.49 30.32
CA SER A 62 -11.73 2.83 29.78
C SER A 62 -11.81 2.84 28.26
N PRO A 63 -12.50 3.82 27.69
CA PRO A 63 -12.70 3.99 26.25
C PRO A 63 -11.45 4.00 25.37
N PHE A 64 -11.67 3.61 24.12
CA PHE A 64 -10.65 3.63 23.10
C PHE A 64 -11.16 4.82 22.34
N GLN A 65 -10.51 5.97 22.51
CA GLN A 65 -10.95 7.20 21.87
C GLN A 65 -12.36 7.52 22.39
N ILE A 66 -13.35 7.32 21.52
CA ILE A 66 -14.76 7.58 21.82
C ILE A 66 -15.55 6.27 21.95
N VAL A 67 -14.86 5.14 21.78
CA VAL A 67 -15.50 3.83 21.85
C VAL A 67 -15.58 3.32 23.28
N LYS A 68 -16.80 3.33 23.84
CA LYS A 68 -17.06 2.88 25.20
C LYS A 68 -17.10 1.37 25.35
N ASN A 69 -16.72 0.91 26.53
CA ASN A 69 -16.75 -0.50 26.87
C ASN A 69 -16.17 -1.43 25.80
N PRO A 70 -14.98 -1.11 25.26
CA PRO A 70 -14.40 -1.98 24.23
C PRO A 70 -14.07 -3.40 24.72
N ARG A 71 -13.36 -3.51 25.83
CA ARG A 71 -12.99 -4.81 26.38
C ARG A 71 -14.23 -5.55 26.85
N SER A 72 -15.11 -4.83 27.54
CA SER A 72 -16.35 -5.41 28.04
C SER A 72 -17.12 -6.03 26.88
N VAL A 73 -17.12 -5.32 25.74
CA VAL A 73 -17.81 -5.77 24.54
C VAL A 73 -17.05 -6.88 23.82
N GLY A 74 -15.77 -6.63 23.57
CA GLY A 74 -14.95 -7.59 22.86
C GLY A 74 -14.84 -8.96 23.50
N LYS A 75 -14.98 -9.01 24.81
CA LYS A 75 -14.88 -10.30 25.48
C LYS A 75 -16.20 -11.06 25.42
N ALA A 76 -17.29 -10.31 25.48
CA ALA A 76 -18.62 -10.89 25.42
C ALA A 76 -18.74 -11.60 24.07
N SER A 77 -18.12 -11.01 23.07
CA SER A 77 -18.15 -11.58 21.73
C SER A 77 -17.14 -12.71 21.68
N GLU A 78 -16.08 -12.62 22.50
CA GLU A 78 -15.11 -13.70 22.49
C GLU A 78 -15.72 -14.88 23.22
N GLN A 79 -16.26 -14.63 24.41
CA GLN A 79 -16.90 -15.70 25.16
C GLN A 79 -17.88 -16.37 24.20
N LEU A 80 -18.88 -15.59 23.77
CA LEU A 80 -19.91 -16.05 22.86
C LEU A 80 -19.35 -16.75 21.62
N ALA A 81 -18.22 -16.27 21.12
CA ALA A 81 -17.60 -16.86 19.95
C ALA A 81 -17.30 -18.32 20.22
N GLY A 82 -16.62 -18.58 21.34
CA GLY A 82 -16.30 -19.95 21.70
C GLY A 82 -17.58 -20.77 21.68
N LYS A 83 -18.47 -20.51 22.64
CA LYS A 83 -19.77 -21.20 22.74
C LYS A 83 -20.43 -21.53 21.40
N VAL A 84 -20.61 -20.53 20.55
CA VAL A 84 -21.27 -20.72 19.25
C VAL A 84 -20.62 -21.78 18.38
N ALA A 85 -19.35 -22.05 18.64
CA ALA A 85 -18.65 -23.06 17.88
C ALA A 85 -19.00 -24.41 18.49
N GLU A 86 -19.28 -24.41 19.79
CA GLU A 86 -19.60 -25.65 20.48
C GLU A 86 -20.94 -26.21 20.04
N VAL A 87 -21.91 -25.34 19.82
CA VAL A 87 -23.23 -25.79 19.36
C VAL A 87 -23.19 -26.21 17.89
N LYS A 88 -22.43 -25.44 17.11
CA LYS A 88 -22.25 -25.82 15.72
C LYS A 88 -21.38 -27.07 15.62
N LYS A 89 -20.75 -27.30 16.79
CA LYS A 89 -19.87 -28.44 17.00
C LYS A 89 -20.73 -29.67 17.30
N ASN A 90 -21.81 -29.46 18.05
CA ASN A 90 -22.70 -30.56 18.37
C ASN A 90 -23.71 -30.69 17.25
N GLY A 91 -23.32 -30.23 16.07
CA GLY A 91 -24.19 -30.29 14.92
C GLY A 91 -25.57 -29.74 15.19
N ARG A 92 -25.63 -28.51 15.67
CA ARG A 92 -26.90 -27.88 15.97
C ARG A 92 -26.89 -26.45 15.46
N ILE A 93 -28.08 -25.88 15.22
CA ILE A 93 -28.20 -24.51 14.76
C ILE A 93 -27.95 -23.63 15.98
N SER A 94 -27.14 -22.59 15.83
CA SER A 94 -26.87 -21.71 16.96
C SER A 94 -27.95 -20.64 17.05
N LEU A 95 -28.66 -20.60 18.18
CA LEU A 95 -29.73 -19.62 18.38
C LEU A 95 -29.33 -18.65 19.48
N VAL A 96 -29.02 -17.41 19.12
CA VAL A 96 -28.60 -16.41 20.11
C VAL A 96 -29.57 -15.28 20.41
N LEU A 97 -30.35 -15.44 21.46
CA LEU A 97 -31.28 -14.40 21.90
C LEU A 97 -30.34 -13.43 22.56
N GLY A 98 -29.95 -12.38 21.85
CA GLY A 98 -29.00 -11.46 22.45
C GLY A 98 -29.52 -10.30 23.25
N GLY A 99 -28.60 -9.36 23.45
CA GLY A 99 -28.88 -8.13 24.15
C GLY A 99 -28.74 -7.12 23.03
N ASP A 100 -27.58 -6.46 22.96
CA ASP A 100 -27.35 -5.50 21.89
C ASP A 100 -26.67 -6.18 20.70
N HIS A 101 -26.96 -5.68 19.51
CA HIS A 101 -26.41 -6.21 18.27
C HIS A 101 -24.88 -6.15 18.13
N SER A 102 -24.17 -5.94 19.24
CA SER A 102 -22.71 -5.90 19.17
C SER A 102 -22.20 -7.36 19.27
N LEU A 103 -22.99 -8.20 19.93
CA LEU A 103 -22.62 -9.60 20.10
C LEU A 103 -22.45 -10.28 18.75
N ALA A 104 -22.97 -9.67 17.70
CA ALA A 104 -22.90 -10.25 16.36
C ALA A 104 -21.47 -10.59 16.00
N ILE A 105 -20.53 -9.79 16.48
CA ILE A 105 -19.12 -10.08 16.20
C ILE A 105 -18.87 -11.49 16.76
N GLY A 106 -19.39 -11.76 17.96
CA GLY A 106 -19.21 -13.07 18.58
C GLY A 106 -19.92 -14.22 17.88
N SER A 107 -21.23 -14.10 17.69
CA SER A 107 -22.00 -15.16 17.04
C SER A 107 -21.32 -15.60 15.76
N ILE A 108 -21.24 -14.68 14.80
CA ILE A 108 -20.65 -14.94 13.50
C ILE A 108 -19.21 -15.48 13.58
N SER A 109 -18.54 -15.24 14.70
CA SER A 109 -17.16 -15.73 14.89
C SER A 109 -17.13 -17.24 15.10
N GLY A 110 -17.70 -17.68 16.21
CA GLY A 110 -17.73 -19.09 16.53
C GLY A 110 -18.39 -19.91 15.43
N HIS A 111 -19.39 -19.31 14.79
CA HIS A 111 -20.08 -20.00 13.71
C HIS A 111 -19.08 -20.21 12.59
N ALA A 112 -18.43 -19.13 12.15
CA ALA A 112 -17.45 -19.22 11.08
C ALA A 112 -16.29 -20.18 11.41
N ARG A 113 -15.83 -20.15 12.66
CA ARG A 113 -14.74 -21.02 13.10
C ARG A 113 -15.07 -22.43 12.62
N VAL A 114 -16.36 -22.75 12.62
CA VAL A 114 -16.84 -24.07 12.19
C VAL A 114 -17.14 -24.07 10.70
N HIS A 115 -18.04 -23.21 10.25
CA HIS A 115 -18.39 -23.16 8.84
C HIS A 115 -17.87 -21.87 8.23
N PRO A 116 -16.55 -21.76 8.02
CA PRO A 116 -15.98 -20.53 7.44
C PRO A 116 -16.63 -20.16 6.12
N ASP A 117 -17.44 -21.06 5.59
CA ASP A 117 -18.11 -20.86 4.32
C ASP A 117 -19.51 -20.25 4.36
N LEU A 118 -20.03 -19.99 5.55
CA LEU A 118 -21.36 -19.42 5.71
C LEU A 118 -21.66 -18.15 4.92
N GLY A 119 -22.95 -17.84 4.79
CA GLY A 119 -23.42 -16.64 4.12
C GLY A 119 -24.24 -15.89 5.18
N VAL A 120 -24.27 -14.56 5.14
CA VAL A 120 -25.01 -13.80 6.16
C VAL A 120 -26.19 -12.96 5.66
N ILE A 121 -27.25 -12.91 6.47
CA ILE A 121 -28.43 -12.12 6.14
C ILE A 121 -28.62 -11.17 7.31
N TRP A 122 -28.31 -9.90 7.09
CA TRP A 122 -28.43 -8.91 8.15
C TRP A 122 -29.73 -8.13 8.04
N VAL A 123 -30.74 -8.61 8.77
CA VAL A 123 -32.05 -7.95 8.78
C VAL A 123 -31.94 -6.87 9.84
N ASP A 124 -32.04 -5.61 9.42
CA ASP A 124 -31.88 -4.53 10.36
C ASP A 124 -32.21 -3.20 9.72
N ALA A 125 -32.66 -2.23 10.50
CA ALA A 125 -32.97 -0.91 9.95
C ALA A 125 -31.67 -0.15 9.79
N HIS A 126 -30.60 -0.73 10.35
CA HIS A 126 -29.26 -0.14 10.34
C HIS A 126 -28.18 -1.08 9.80
N THR A 127 -27.18 -0.51 9.15
CA THR A 127 -26.08 -1.30 8.59
C THR A 127 -25.14 -1.86 9.65
N ASP A 128 -24.93 -1.10 10.72
CA ASP A 128 -24.04 -1.53 11.79
C ASP A 128 -22.64 -1.83 11.25
N ILE A 129 -22.14 -0.94 10.40
CA ILE A 129 -20.83 -1.14 9.79
C ILE A 129 -19.88 0.07 9.98
N ASN A 130 -20.07 0.79 11.07
CA ASN A 130 -19.21 1.92 11.39
C ASN A 130 -17.94 1.32 11.97
N THR A 131 -16.81 1.98 11.75
CA THR A 131 -15.55 1.50 12.29
C THR A 131 -15.27 2.27 13.57
N PRO A 132 -14.23 1.88 14.31
CA PRO A 132 -13.90 2.58 15.56
C PRO A 132 -13.51 4.01 15.29
N LEU A 133 -13.24 4.29 14.01
CA LEU A 133 -12.82 5.61 13.56
C LEU A 133 -13.87 6.38 12.75
N THR A 134 -15.05 5.81 12.55
CA THR A 134 -16.11 6.49 11.80
C THR A 134 -17.33 6.69 12.70
N THR A 135 -17.44 5.86 13.71
CA THR A 135 -18.53 5.94 14.65
C THR A 135 -18.63 7.36 15.22
N THR A 136 -19.82 7.95 15.16
CA THR A 136 -20.06 9.28 15.71
C THR A 136 -20.56 9.11 17.13
N SER A 137 -21.69 8.42 17.27
CA SER A 137 -22.23 8.18 18.61
C SER A 137 -21.15 7.46 19.43
N GLY A 138 -20.45 6.53 18.80
CA GLY A 138 -19.39 5.79 19.48
C GLY A 138 -19.81 4.49 20.15
N ASN A 139 -21.00 4.01 19.82
CA ASN A 139 -21.49 2.77 20.42
C ASN A 139 -21.06 1.60 19.56
N LEU A 140 -20.69 0.49 20.21
CA LEU A 140 -20.26 -0.68 19.49
C LEU A 140 -21.37 -1.48 18.83
N HIS A 141 -22.60 -1.32 19.32
CA HIS A 141 -23.75 -2.05 18.78
C HIS A 141 -24.04 -1.64 17.33
N GLY A 142 -23.36 -0.60 16.86
CA GLY A 142 -23.53 -0.15 15.50
C GLY A 142 -22.27 -0.26 14.65
N GLN A 143 -21.39 -1.20 14.98
CA GLN A 143 -20.13 -1.41 14.26
C GLN A 143 -19.74 -2.88 14.08
N PRO A 144 -20.55 -3.83 14.59
CA PRO A 144 -20.19 -5.24 14.45
C PRO A 144 -19.69 -5.72 13.09
N VAL A 145 -20.35 -5.31 12.02
CA VAL A 145 -19.97 -5.74 10.69
C VAL A 145 -18.55 -5.37 10.28
N SER A 146 -18.10 -4.16 10.61
CA SER A 146 -16.76 -3.73 10.23
C SER A 146 -15.65 -4.58 10.86
N PHE A 147 -15.98 -5.32 11.90
CA PHE A 147 -15.00 -6.18 12.57
C PHE A 147 -14.94 -7.53 11.88
N LEU A 148 -16.07 -7.92 11.30
CA LEU A 148 -16.19 -9.21 10.62
C LEU A 148 -15.73 -9.17 9.18
N LEU A 149 -15.89 -8.00 8.56
CA LEU A 149 -15.55 -7.81 7.16
C LEU A 149 -14.07 -7.86 6.79
N LYS A 150 -13.75 -8.75 5.86
CA LYS A 150 -12.39 -8.91 5.37
C LYS A 150 -11.85 -7.67 4.68
N GLU A 151 -12.58 -7.18 3.67
CA GLU A 151 -12.16 -5.99 2.92
C GLU A 151 -11.99 -4.77 3.80
N LEU A 152 -12.53 -4.83 5.00
CA LEU A 152 -12.46 -3.70 5.91
C LEU A 152 -11.26 -3.80 6.82
N LYS A 153 -10.66 -4.99 6.88
CA LYS A 153 -9.47 -5.23 7.70
C LYS A 153 -8.49 -4.20 7.18
N GLY A 154 -7.75 -3.57 8.09
CA GLY A 154 -6.81 -2.54 7.68
C GLY A 154 -7.45 -1.19 7.93
N LYS A 155 -8.78 -1.12 7.85
CA LYS A 155 -9.52 0.11 8.11
C LYS A 155 -9.76 0.17 9.62
N ILE A 156 -9.96 -1.01 10.21
CA ILE A 156 -10.20 -1.14 11.63
C ILE A 156 -8.89 -1.00 12.41
N PRO A 157 -8.87 -0.15 13.45
CA PRO A 157 -7.68 0.06 14.27
C PRO A 157 -7.53 -1.08 15.27
N ASP A 158 -6.55 -0.96 16.17
CA ASP A 158 -6.31 -2.00 17.18
C ASP A 158 -6.96 -1.57 18.49
N VAL A 159 -8.15 -2.12 18.75
CA VAL A 159 -8.93 -1.78 19.95
C VAL A 159 -8.92 -2.81 21.06
N PRO A 160 -8.75 -2.35 22.30
CA PRO A 160 -8.73 -3.27 23.45
C PRO A 160 -9.95 -4.18 23.43
N GLY A 161 -9.69 -5.49 23.57
CA GLY A 161 -10.76 -6.47 23.59
C GLY A 161 -10.91 -7.37 22.37
N PHE A 162 -10.39 -6.96 21.22
CA PHE A 162 -10.54 -7.74 20.00
C PHE A 162 -9.29 -8.24 19.30
N SER A 163 -8.22 -8.50 20.03
CA SER A 163 -7.02 -8.99 19.36
C SER A 163 -7.39 -10.31 18.67
N TRP A 164 -8.26 -11.06 19.32
CA TRP A 164 -8.73 -12.38 18.85
C TRP A 164 -9.49 -12.39 17.55
N VAL A 165 -10.14 -11.28 17.22
CA VAL A 165 -10.93 -11.21 16.00
C VAL A 165 -10.11 -11.35 14.72
N THR A 166 -10.66 -12.14 13.81
CA THR A 166 -10.07 -12.39 12.50
C THR A 166 -11.24 -12.24 11.53
N PRO A 167 -11.18 -11.25 10.62
CA PRO A 167 -12.27 -11.06 9.66
C PRO A 167 -12.66 -12.39 9.01
N CYS A 168 -13.90 -12.81 9.22
CA CYS A 168 -14.37 -14.08 8.65
C CYS A 168 -15.15 -13.98 7.33
N ILE A 169 -16.12 -13.08 7.24
CA ILE A 169 -16.91 -12.94 6.02
C ILE A 169 -16.44 -11.84 5.06
N SER A 170 -16.65 -12.06 3.77
CA SER A 170 -16.25 -11.07 2.77
C SER A 170 -17.46 -10.29 2.22
N ALA A 171 -17.18 -9.09 1.72
CA ALA A 171 -18.18 -8.17 1.17
C ALA A 171 -19.21 -8.80 0.23
N LYS A 172 -18.76 -9.79 -0.53
CA LYS A 172 -19.62 -10.46 -1.47
C LYS A 172 -20.45 -11.55 -0.80
N ASP A 173 -20.37 -11.65 0.53
CA ASP A 173 -21.10 -12.70 1.24
C ASP A 173 -22.11 -12.34 2.32
N ILE A 174 -22.55 -11.09 2.33
CA ILE A 174 -23.54 -10.66 3.29
C ILE A 174 -24.63 -9.89 2.52
N VAL A 175 -25.84 -9.88 3.06
CA VAL A 175 -26.96 -9.17 2.47
C VAL A 175 -27.70 -8.45 3.59
N TYR A 176 -28.00 -7.18 3.36
CA TYR A 176 -28.74 -6.36 4.33
C TYR A 176 -30.20 -6.29 3.92
N ILE A 177 -31.12 -6.40 4.87
CA ILE A 177 -32.55 -6.28 4.56
C ILE A 177 -33.27 -5.43 5.62
N GLY A 178 -33.96 -4.38 5.20
CA GLY A 178 -34.68 -3.53 6.14
C GLY A 178 -34.02 -2.18 6.49
N LEU A 179 -32.97 -1.83 5.76
CA LEU A 179 -32.23 -0.58 5.99
C LEU A 179 -32.97 0.72 5.70
N ARG A 180 -32.90 1.66 6.62
CA ARG A 180 -33.55 2.95 6.42
C ARG A 180 -32.90 4.09 7.24
N ASP A 181 -31.75 3.81 7.86
CA ASP A 181 -31.02 4.81 8.64
C ASP A 181 -29.53 4.50 8.62
N VAL A 182 -28.90 4.80 7.51
CA VAL A 182 -27.49 4.54 7.33
C VAL A 182 -26.68 5.82 7.43
N ASP A 183 -25.65 5.79 8.28
CA ASP A 183 -24.78 6.94 8.48
C ASP A 183 -24.00 7.24 7.20
N PRO A 184 -23.71 8.54 6.95
CA PRO A 184 -22.96 9.01 5.77
C PRO A 184 -21.70 8.19 5.47
N GLY A 185 -21.02 7.73 6.53
CA GLY A 185 -19.83 6.94 6.34
C GLY A 185 -20.19 5.49 6.03
N GLU A 186 -21.31 5.03 6.61
CA GLU A 186 -21.75 3.66 6.38
C GLU A 186 -22.21 3.54 4.94
N HIS A 187 -22.89 4.56 4.44
CA HIS A 187 -23.34 4.50 3.06
C HIS A 187 -22.12 4.44 2.11
N TYR A 188 -21.08 5.20 2.44
CA TYR A 188 -19.86 5.22 1.64
C TYR A 188 -19.22 3.83 1.63
N ILE A 189 -19.32 3.12 2.74
CA ILE A 189 -18.77 1.78 2.82
C ILE A 189 -19.64 0.87 1.94
N LEU A 190 -20.96 0.99 2.06
CA LEU A 190 -21.91 0.18 1.30
C LEU A 190 -21.69 0.16 -0.21
N LYS A 191 -21.67 1.35 -0.78
CA LYS A 191 -21.51 1.54 -2.21
C LYS A 191 -20.11 1.26 -2.71
N THR A 192 -19.10 1.59 -1.91
CA THR A 192 -17.73 1.35 -2.33
C THR A 192 -17.34 -0.12 -2.33
N LEU A 193 -17.73 -0.85 -1.28
CA LEU A 193 -17.42 -2.28 -1.20
C LEU A 193 -18.28 -3.14 -2.11
N GLY A 194 -19.37 -2.58 -2.60
CA GLY A 194 -20.23 -3.33 -3.48
C GLY A 194 -21.08 -4.34 -2.74
N ILE A 195 -21.45 -3.98 -1.51
CA ILE A 195 -22.29 -4.85 -0.67
C ILE A 195 -23.72 -4.92 -1.18
N LYS A 196 -24.29 -6.12 -1.14
CA LYS A 196 -25.64 -6.33 -1.55
C LYS A 196 -26.56 -5.92 -0.41
N TYR A 197 -27.52 -5.06 -0.72
CA TYR A 197 -28.42 -4.58 0.31
C TYR A 197 -29.77 -4.23 -0.27
N PHE A 198 -30.81 -4.50 0.52
CA PHE A 198 -32.18 -4.20 0.14
C PHE A 198 -32.71 -3.25 1.21
N SER A 199 -32.58 -1.94 0.96
CA SER A 199 -33.05 -0.91 1.88
C SER A 199 -34.57 -0.87 1.73
N MET A 200 -35.25 -0.08 2.55
CA MET A 200 -36.70 -0.05 2.44
C MET A 200 -37.14 0.39 1.05
N THR A 201 -36.25 1.08 0.36
CA THR A 201 -36.53 1.57 -1.00
C THR A 201 -36.75 0.39 -1.95
N GLU A 202 -35.94 -0.65 -1.81
CA GLU A 202 -36.04 -1.82 -2.68
C GLU A 202 -37.16 -2.74 -2.27
N VAL A 203 -37.44 -2.81 -0.98
CA VAL A 203 -38.52 -3.66 -0.53
C VAL A 203 -39.82 -3.09 -1.12
N ASP A 204 -39.85 -1.76 -1.27
CA ASP A 204 -41.03 -1.10 -1.82
C ASP A 204 -41.11 -1.32 -3.33
N ARG A 205 -39.95 -1.32 -3.99
CA ARG A 205 -39.90 -1.52 -5.43
C ARG A 205 -40.17 -2.98 -5.85
N LEU A 206 -39.45 -3.92 -5.24
CA LEU A 206 -39.59 -5.35 -5.56
C LEU A 206 -40.61 -6.12 -4.73
N GLY A 207 -40.99 -5.59 -3.58
CA GLY A 207 -41.91 -6.29 -2.71
C GLY A 207 -41.06 -7.32 -2.01
N ILE A 208 -41.53 -7.88 -0.90
CA ILE A 208 -40.73 -8.87 -0.19
C ILE A 208 -40.62 -10.18 -0.95
N GLY A 209 -41.56 -10.43 -1.86
CA GLY A 209 -41.50 -11.67 -2.62
C GLY A 209 -40.26 -11.76 -3.47
N LYS A 210 -39.95 -10.67 -4.17
CA LYS A 210 -38.79 -10.62 -5.03
C LYS A 210 -37.50 -10.41 -4.24
N VAL A 211 -37.62 -9.66 -3.15
CA VAL A 211 -36.47 -9.39 -2.30
C VAL A 211 -35.84 -10.67 -1.77
N MET A 212 -36.68 -11.60 -1.33
CA MET A 212 -36.23 -12.88 -0.77
C MET A 212 -35.60 -13.80 -1.79
N GLU A 213 -36.18 -13.80 -2.99
CA GLU A 213 -35.70 -14.65 -4.06
C GLU A 213 -34.33 -14.17 -4.53
N GLU A 214 -34.17 -12.86 -4.55
CA GLU A 214 -32.93 -12.24 -4.98
C GLU A 214 -31.83 -12.34 -3.95
N THR A 215 -32.18 -12.21 -2.68
CA THR A 215 -31.18 -12.31 -1.63
C THR A 215 -30.62 -13.72 -1.64
N LEU A 216 -31.53 -14.71 -1.64
CA LEU A 216 -31.15 -16.12 -1.63
C LEU A 216 -30.47 -16.65 -2.89
N SER A 217 -30.83 -16.11 -4.06
CA SER A 217 -30.17 -16.58 -5.27
C SER A 217 -28.79 -15.93 -5.32
N TYR A 218 -28.68 -14.71 -4.80
CA TYR A 218 -27.40 -13.98 -4.77
C TYR A 218 -26.43 -14.63 -3.80
N LEU A 219 -27.00 -15.20 -2.74
CA LEU A 219 -26.23 -15.86 -1.70
C LEU A 219 -25.96 -17.33 -2.02
N LEU A 220 -27.02 -18.06 -2.38
CA LEU A 220 -26.90 -19.48 -2.65
C LEU A 220 -26.80 -19.87 -4.11
N GLY A 221 -26.48 -18.88 -4.96
CA GLY A 221 -26.35 -19.13 -6.39
C GLY A 221 -25.29 -20.17 -6.71
N ARG A 222 -24.03 -19.75 -6.69
CA ARG A 222 -22.92 -20.65 -6.98
C ARG A 222 -22.98 -21.94 -6.12
N LYS A 223 -22.88 -21.77 -4.81
CA LYS A 223 -22.89 -22.90 -3.87
C LYS A 223 -23.94 -22.82 -2.75
N LYS A 224 -24.32 -23.99 -2.25
CA LYS A 224 -25.30 -24.14 -1.16
C LYS A 224 -24.59 -24.20 0.19
N ARG A 225 -24.07 -23.06 0.65
CA ARG A 225 -23.36 -23.00 1.92
C ARG A 225 -24.19 -22.55 3.13
N PRO A 226 -23.65 -22.73 4.35
CA PRO A 226 -24.33 -22.34 5.59
C PRO A 226 -24.85 -20.90 5.63
N ILE A 227 -26.01 -20.71 6.25
CA ILE A 227 -26.61 -19.38 6.34
C ILE A 227 -26.69 -18.84 7.78
N HIS A 228 -26.32 -17.57 7.94
CA HIS A 228 -26.39 -16.92 9.23
C HIS A 228 -27.28 -15.68 9.16
N LEU A 229 -28.39 -15.72 9.87
CA LEU A 229 -29.33 -14.60 9.90
C LEU A 229 -29.19 -13.79 11.17
N SER A 230 -28.64 -12.58 11.06
CA SER A 230 -28.51 -11.74 12.24
C SER A 230 -29.75 -10.91 12.20
N PHE A 231 -30.63 -11.10 13.19
CA PHE A 231 -31.89 -10.38 13.22
C PHE A 231 -32.08 -9.31 14.31
N ASP A 232 -32.08 -8.06 13.87
CA ASP A 232 -32.27 -6.93 14.77
C ASP A 232 -33.75 -6.56 14.76
N VAL A 233 -34.35 -6.62 15.94
CA VAL A 233 -35.76 -6.33 16.10
C VAL A 233 -36.19 -4.97 15.54
N ASP A 234 -35.26 -4.02 15.44
CA ASP A 234 -35.61 -2.70 14.90
C ASP A 234 -35.62 -2.70 13.38
N GLY A 235 -35.58 -3.91 12.81
CA GLY A 235 -35.64 -4.06 11.38
C GLY A 235 -37.09 -3.88 11.01
N LEU A 236 -37.96 -4.18 11.96
CA LEU A 236 -39.40 -4.04 11.77
C LEU A 236 -39.88 -2.71 12.30
N ASP A 237 -41.00 -2.25 11.75
CA ASP A 237 -41.62 -0.99 12.13
C ASP A 237 -41.94 -0.98 13.64
N PRO A 238 -41.64 0.14 14.33
CA PRO A 238 -41.89 0.30 15.77
C PRO A 238 -43.34 0.08 16.23
N SER A 239 -44.23 -0.26 15.31
CA SER A 239 -45.62 -0.50 15.66
C SER A 239 -45.77 -1.99 15.92
N PHE A 240 -44.71 -2.72 15.56
CA PHE A 240 -44.68 -4.16 15.75
C PHE A 240 -43.63 -4.49 16.81
N THR A 241 -42.53 -3.76 16.80
CA THR A 241 -41.45 -3.94 17.77
C THR A 241 -41.02 -2.60 18.42
N PRO A 242 -41.94 -1.92 19.16
CA PRO A 242 -41.66 -0.63 19.81
C PRO A 242 -40.60 -0.64 20.91
N ALA A 243 -40.42 -1.77 21.57
CA ALA A 243 -39.44 -1.88 22.64
C ALA A 243 -38.04 -2.25 22.15
N THR A 244 -37.44 -1.32 21.40
CA THR A 244 -36.10 -1.45 20.85
C THR A 244 -35.35 -0.20 21.30
N GLY A 245 -34.02 -0.21 21.20
CA GLY A 245 -33.26 0.95 21.61
C GLY A 245 -33.13 2.02 20.54
N THR A 246 -33.17 1.63 19.27
CA THR A 246 -33.04 2.57 18.16
C THR A 246 -34.01 2.22 17.01
N PRO A 247 -35.31 2.53 17.20
CA PRO A 247 -36.38 2.28 16.21
C PRO A 247 -36.63 3.38 15.16
N VAL A 248 -36.94 2.95 13.94
CA VAL A 248 -37.19 3.88 12.84
C VAL A 248 -38.51 3.55 12.15
N VAL A 249 -39.23 4.58 11.70
CA VAL A 249 -40.51 4.39 11.03
C VAL A 249 -40.25 3.97 9.60
N GLY A 250 -41.28 3.40 8.97
CA GLY A 250 -41.18 2.93 7.60
C GLY A 250 -40.67 1.49 7.54
N GLY A 251 -40.59 0.85 8.69
CA GLY A 251 -40.10 -0.51 8.80
C GLY A 251 -40.86 -1.64 8.12
N LEU A 252 -40.36 -2.86 8.34
CA LEU A 252 -40.92 -4.09 7.79
C LEU A 252 -42.20 -4.47 8.56
N THR A 253 -43.22 -4.91 7.83
CA THR A 253 -44.51 -5.30 8.41
C THR A 253 -44.43 -6.63 9.12
N TYR A 254 -45.36 -6.88 10.03
CA TYR A 254 -45.36 -8.15 10.75
C TYR A 254 -45.20 -9.24 9.70
N ARG A 255 -46.09 -9.21 8.71
CA ARG A 255 -46.12 -10.17 7.61
C ARG A 255 -44.80 -10.26 6.82
N GLN A 256 -44.13 -9.13 6.60
CA GLN A 256 -42.87 -9.15 5.87
C GLN A 256 -41.76 -9.81 6.66
N GLY A 257 -41.79 -9.61 7.97
CA GLY A 257 -40.79 -10.22 8.84
C GLY A 257 -40.97 -11.72 8.80
N LEU A 258 -42.23 -12.15 8.75
CA LEU A 258 -42.56 -13.57 8.71
C LEU A 258 -42.22 -14.21 7.36
N TYR A 259 -42.25 -13.45 6.27
CA TYR A 259 -41.94 -14.02 4.96
C TYR A 259 -40.46 -14.31 4.81
N ILE A 260 -39.64 -13.39 5.29
CA ILE A 260 -38.21 -13.55 5.24
C ILE A 260 -37.88 -14.88 5.92
N THR A 261 -38.19 -14.95 7.21
CA THR A 261 -37.94 -16.13 8.02
C THR A 261 -38.49 -17.45 7.51
N GLU A 262 -39.68 -17.43 6.93
CA GLU A 262 -40.24 -18.67 6.41
C GLU A 262 -39.43 -19.10 5.19
N GLU A 263 -38.97 -18.11 4.41
CA GLU A 263 -38.19 -18.40 3.21
C GLU A 263 -36.79 -18.86 3.53
N ILE A 264 -36.22 -18.31 4.60
CA ILE A 264 -34.90 -18.72 4.99
C ILE A 264 -35.05 -20.13 5.51
N TYR A 265 -36.06 -20.36 6.33
CA TYR A 265 -36.31 -21.69 6.87
C TYR A 265 -36.40 -22.68 5.72
N LYS A 266 -37.24 -22.37 4.76
CA LYS A 266 -37.46 -23.27 3.63
C LYS A 266 -36.21 -23.74 2.88
N THR A 267 -35.14 -22.95 2.90
CA THR A 267 -33.90 -23.36 2.23
C THR A 267 -33.25 -24.48 3.04
N GLY A 268 -33.45 -24.44 4.35
CA GLY A 268 -32.90 -25.47 5.23
C GLY A 268 -31.40 -25.36 5.34
N LEU A 269 -30.87 -24.15 5.14
CA LEU A 269 -29.44 -23.92 5.22
C LEU A 269 -29.08 -22.99 6.37
N LEU A 270 -30.05 -22.79 7.25
CA LEU A 270 -29.82 -21.93 8.41
C LEU A 270 -28.91 -22.70 9.34
N SER A 271 -27.83 -22.06 9.80
CA SER A 271 -26.89 -22.68 10.71
C SER A 271 -26.76 -21.81 11.96
N GLY A 272 -26.95 -20.52 11.77
CA GLY A 272 -26.86 -19.59 12.87
C GLY A 272 -27.98 -18.58 12.88
N LEU A 273 -28.41 -18.24 14.09
CA LEU A 273 -29.48 -17.27 14.26
C LEU A 273 -29.22 -16.46 15.53
N ASP A 274 -29.61 -15.20 15.49
CA ASP A 274 -29.45 -14.31 16.63
C ASP A 274 -30.68 -13.43 16.61
N ILE A 275 -31.28 -13.22 17.78
CA ILE A 275 -32.44 -12.34 17.90
C ILE A 275 -31.96 -11.22 18.84
N MET A 276 -31.67 -10.07 18.25
CA MET A 276 -31.13 -8.92 18.99
C MET A 276 -31.99 -7.68 19.18
N GLU A 277 -31.39 -6.74 19.88
CA GLU A 277 -31.95 -5.44 20.17
C GLU A 277 -33.32 -5.27 20.81
N VAL A 278 -33.81 -6.27 21.54
CA VAL A 278 -35.09 -6.10 22.21
C VAL A 278 -34.81 -5.69 23.66
N ASN A 279 -35.54 -4.68 24.13
CA ASN A 279 -35.37 -4.18 25.48
C ASN A 279 -36.76 -3.89 26.02
N PRO A 280 -37.32 -4.83 26.79
CA PRO A 280 -38.66 -4.59 27.33
C PRO A 280 -38.82 -3.29 28.12
N SER A 281 -37.80 -2.92 28.89
CA SER A 281 -37.85 -1.70 29.70
C SER A 281 -38.20 -0.46 28.89
N LEU A 282 -37.74 -0.42 27.64
CA LEU A 282 -37.96 0.70 26.74
C LEU A 282 -39.33 0.77 26.09
N GLY A 283 -40.25 -0.12 26.49
CA GLY A 283 -41.58 -0.10 25.92
C GLY A 283 -42.49 0.81 26.74
N LYS A 284 -43.50 1.40 26.11
CA LYS A 284 -44.41 2.27 26.84
C LYS A 284 -45.31 1.41 27.73
N THR A 285 -46.51 1.11 27.25
CA THR A 285 -47.44 0.29 28.01
C THR A 285 -46.89 -1.13 28.17
N PRO A 286 -47.43 -1.88 29.14
CA PRO A 286 -46.98 -3.25 29.36
C PRO A 286 -47.28 -4.16 28.16
N GLU A 287 -48.24 -3.75 27.32
CA GLU A 287 -48.59 -4.53 26.15
C GLU A 287 -47.64 -4.30 24.97
N GLU A 288 -46.91 -3.18 25.00
CA GLU A 288 -45.96 -2.88 23.93
C GLU A 288 -44.78 -3.81 24.12
N VAL A 289 -44.62 -4.27 25.35
CA VAL A 289 -43.53 -5.18 25.68
C VAL A 289 -43.95 -6.55 25.16
N THR A 290 -45.24 -6.82 25.35
CA THR A 290 -45.87 -8.06 24.92
C THR A 290 -45.85 -8.11 23.39
N ARG A 291 -46.15 -6.95 22.79
CA ARG A 291 -46.18 -6.83 21.34
C ARG A 291 -44.82 -7.02 20.71
N THR A 292 -43.78 -6.47 21.34
CA THR A 292 -42.42 -6.59 20.83
C THR A 292 -41.84 -7.97 21.08
N VAL A 293 -42.19 -8.57 22.22
CA VAL A 293 -41.69 -9.88 22.56
C VAL A 293 -42.36 -11.01 21.78
N ASN A 294 -43.68 -10.94 21.70
CA ASN A 294 -44.42 -11.97 20.99
C ASN A 294 -44.07 -11.97 19.51
N THR A 295 -43.94 -10.77 18.94
CA THR A 295 -43.60 -10.64 17.54
C THR A 295 -42.26 -11.30 17.31
N ALA A 296 -41.38 -11.16 18.30
CA ALA A 296 -40.05 -11.73 18.23
C ALA A 296 -40.12 -13.24 18.21
N VAL A 297 -40.97 -13.80 19.06
CA VAL A 297 -41.12 -15.25 19.09
C VAL A 297 -41.75 -15.73 17.77
N ALA A 298 -42.71 -14.98 17.27
CA ALA A 298 -43.40 -15.31 16.03
C ALA A 298 -42.46 -15.39 14.83
N ILE A 299 -41.25 -14.86 14.98
CA ILE A 299 -40.29 -14.87 13.89
C ILE A 299 -39.32 -16.02 14.09
N THR A 300 -38.87 -16.22 15.32
CA THR A 300 -37.94 -17.31 15.63
C THR A 300 -38.51 -18.62 15.16
N LEU A 301 -39.75 -18.90 15.58
CA LEU A 301 -40.47 -20.12 15.22
C LEU A 301 -40.60 -20.36 13.72
N ALA A 302 -40.77 -19.29 12.95
CA ALA A 302 -40.91 -19.36 11.49
C ALA A 302 -39.58 -19.83 10.91
N CYS A 303 -38.49 -19.40 11.54
CA CYS A 303 -37.17 -19.79 11.12
C CYS A 303 -37.03 -21.28 11.31
N PHE A 304 -37.63 -21.79 12.39
CA PHE A 304 -37.57 -23.22 12.70
C PHE A 304 -38.79 -24.04 12.29
N GLY A 305 -39.47 -23.64 11.22
CA GLY A 305 -40.59 -24.45 10.76
C GLY A 305 -42.01 -23.91 10.67
N LEU A 306 -42.45 -23.19 11.70
CA LEU A 306 -43.81 -22.67 11.67
C LEU A 306 -44.13 -21.84 10.42
N ALA A 307 -45.16 -22.26 9.69
CA ALA A 307 -45.60 -21.59 8.48
C ALA A 307 -47.09 -21.23 8.60
N ARG A 308 -47.43 -20.01 8.18
CA ARG A 308 -48.79 -19.52 8.24
C ARG A 308 -49.81 -20.38 7.51
N GLU A 309 -49.34 -21.27 6.63
CA GLU A 309 -50.25 -22.14 5.89
C GLU A 309 -50.54 -23.42 6.66
N GLY A 310 -49.72 -23.70 7.67
CA GLY A 310 -49.93 -24.90 8.46
C GLY A 310 -48.76 -25.86 8.50
N ASN A 311 -48.90 -26.86 9.37
CA ASN A 311 -47.87 -27.87 9.56
C ASN A 311 -48.55 -29.18 9.99
N HIS A 312 -47.77 -30.26 10.08
CA HIS A 312 -48.28 -31.56 10.51
C HIS A 312 -47.19 -32.65 10.41
N LYS A 313 -47.34 -33.72 11.19
CA LYS A 313 -46.37 -34.83 11.22
C LYS A 313 -46.77 -36.07 10.40
N SER B 5 45.59 -6.44 -13.40
CA SER B 5 45.04 -5.78 -12.18
C SER B 5 44.71 -4.33 -12.49
N ARG B 6 43.56 -3.88 -12.00
CA ARG B 6 43.13 -2.50 -12.22
C ARG B 6 43.13 -1.72 -10.92
N THR B 7 43.96 -0.68 -10.88
CA THR B 7 44.11 0.18 -9.71
C THR B 7 43.15 1.36 -9.75
N ILE B 8 42.77 1.82 -8.57
CA ILE B 8 41.81 2.93 -8.44
C ILE B 8 42.38 4.21 -7.82
N GLY B 9 41.81 5.33 -8.25
CA GLY B 9 42.19 6.63 -7.72
C GLY B 9 40.89 7.29 -7.29
N ILE B 10 40.57 7.21 -6.00
CA ILE B 10 39.33 7.80 -5.47
C ILE B 10 39.37 9.31 -5.29
N ILE B 11 38.42 9.99 -5.95
CA ILE B 11 38.31 11.43 -5.88
C ILE B 11 36.93 11.80 -5.36
N GLY B 12 36.91 12.40 -4.16
CA GLY B 12 35.67 12.84 -3.58
C GLY B 12 35.38 14.27 -4.04
N ALA B 13 34.24 14.49 -4.67
CA ALA B 13 33.87 15.80 -5.17
C ALA B 13 32.58 16.28 -4.52
N PRO B 14 32.68 16.79 -3.28
CA PRO B 14 31.52 17.29 -2.55
C PRO B 14 31.10 18.64 -3.13
N PHE B 15 30.28 18.60 -4.17
CA PHE B 15 29.81 19.81 -4.84
C PHE B 15 28.32 19.73 -5.14
N SER B 16 27.64 20.87 -5.04
CA SER B 16 26.19 20.94 -5.27
C SER B 16 25.67 22.14 -6.08
N LYS B 17 26.55 23.09 -6.42
CA LYS B 17 26.16 24.29 -7.14
C LYS B 17 25.60 24.12 -8.56
N GLY B 18 25.39 22.87 -8.95
CA GLY B 18 24.86 22.58 -10.27
C GLY B 18 23.35 22.39 -10.25
N GLN B 19 22.78 22.45 -9.05
CA GLN B 19 21.35 22.29 -8.84
C GLN B 19 20.97 22.85 -7.46
N PRO B 20 19.67 23.07 -7.21
CA PRO B 20 19.10 23.60 -5.96
C PRO B 20 19.36 22.90 -4.62
N ARG B 21 19.09 21.60 -4.55
CA ARG B 21 19.32 20.85 -3.32
C ARG B 21 20.83 20.75 -2.99
N GLY B 22 21.19 20.92 -1.72
CA GLY B 22 22.59 20.85 -1.35
C GLY B 22 23.10 19.53 -0.77
N GLY B 23 22.18 18.68 -0.32
CA GLY B 23 22.57 17.39 0.24
C GLY B 23 23.50 16.49 -0.56
N VAL B 24 23.73 16.81 -1.82
CA VAL B 24 24.60 16.02 -2.69
C VAL B 24 26.07 16.19 -2.34
N GLU B 25 26.40 17.31 -1.69
CA GLU B 25 27.77 17.60 -1.26
C GLU B 25 28.33 16.49 -0.37
N GLU B 26 27.45 15.84 0.38
CA GLU B 26 27.83 14.75 1.27
C GLU B 26 27.69 13.41 0.58
N GLY B 27 28.14 13.33 -0.65
CA GLY B 27 28.05 12.07 -1.37
C GLY B 27 29.25 11.21 -1.05
N PRO B 28 30.47 11.74 -1.22
CA PRO B 28 31.67 10.95 -0.92
C PRO B 28 31.63 10.43 0.51
N THR B 29 31.14 11.27 1.42
CA THR B 29 31.05 10.94 2.83
C THR B 29 30.20 9.69 3.10
N VAL B 30 28.95 9.74 2.67
CA VAL B 30 28.02 8.63 2.87
C VAL B 30 28.54 7.38 2.16
N LEU B 31 28.94 7.54 0.90
CA LEU B 31 29.44 6.43 0.11
C LEU B 31 30.76 5.83 0.61
N ARG B 32 31.44 6.56 1.48
CA ARG B 32 32.70 6.12 2.04
C ARG B 32 32.43 5.39 3.34
N LYS B 33 31.60 5.99 4.19
CA LYS B 33 31.27 5.42 5.48
C LYS B 33 30.60 4.06 5.32
N ALA B 34 30.02 3.82 4.16
CA ALA B 34 29.38 2.53 3.91
C ALA B 34 30.52 1.50 3.74
N GLY B 35 31.72 2.00 3.45
CA GLY B 35 32.87 1.13 3.30
C GLY B 35 33.34 0.87 1.88
N LEU B 36 33.37 1.90 1.04
CA LEU B 36 33.77 1.75 -0.35
C LEU B 36 35.20 1.25 -0.64
N LEU B 37 36.22 1.91 -0.09
CA LEU B 37 37.58 1.46 -0.33
C LEU B 37 37.82 0.15 0.39
N GLU B 38 37.16 0.01 1.52
CA GLU B 38 37.26 -1.20 2.31
C GLU B 38 36.77 -2.34 1.42
N LYS B 39 35.58 -2.14 0.86
CA LYS B 39 34.95 -3.13 -0.01
C LYS B 39 35.70 -3.35 -1.31
N LEU B 40 36.29 -2.27 -1.83
CA LEU B 40 37.03 -2.34 -3.09
C LEU B 40 38.31 -3.12 -2.92
N LYS B 41 39.01 -2.86 -1.82
CA LYS B 41 40.27 -3.55 -1.54
C LYS B 41 40.04 -5.03 -1.24
N GLU B 42 38.79 -5.41 -0.97
CA GLU B 42 38.46 -6.81 -0.71
C GLU B 42 38.65 -7.58 -2.02
N GLN B 43 38.60 -6.84 -3.11
CA GLN B 43 38.77 -7.38 -4.45
C GLN B 43 40.24 -7.27 -4.84
N GLU B 44 40.56 -7.61 -6.08
CA GLU B 44 41.94 -7.56 -6.57
C GLU B 44 42.35 -6.18 -7.09
N CYS B 45 41.83 -5.12 -6.50
CA CYS B 45 42.15 -3.77 -6.97
C CYS B 45 42.83 -2.88 -5.93
N ASP B 46 43.93 -2.25 -6.34
CA ASP B 46 44.72 -1.36 -5.48
C ASP B 46 44.01 -0.02 -5.43
N VAL B 47 44.08 0.68 -4.30
CA VAL B 47 43.37 1.95 -4.20
C VAL B 47 44.06 3.11 -3.49
N LYS B 48 44.19 4.24 -4.19
CA LYS B 48 44.78 5.44 -3.62
C LYS B 48 43.69 6.50 -3.53
N ASP B 49 43.36 6.92 -2.30
CA ASP B 49 42.31 7.90 -2.10
C ASP B 49 42.82 9.35 -2.15
N TYR B 50 42.83 9.94 -3.34
CA TYR B 50 43.30 11.31 -3.48
C TYR B 50 42.47 12.29 -2.66
N GLY B 51 41.44 11.77 -1.99
CA GLY B 51 40.57 12.58 -1.13
C GLY B 51 39.46 13.41 -1.72
N ASP B 52 38.68 14.03 -0.83
CA ASP B 52 37.58 14.90 -1.24
C ASP B 52 38.17 16.26 -1.51
N LEU B 53 37.84 16.81 -2.67
CA LEU B 53 38.37 18.10 -3.08
C LEU B 53 37.83 19.27 -2.25
N PRO B 54 38.75 20.19 -1.88
CA PRO B 54 38.48 21.40 -1.09
C PRO B 54 38.12 22.52 -2.07
N PHE B 55 36.83 22.64 -2.36
CA PHE B 55 36.33 23.62 -3.30
C PHE B 55 36.15 25.02 -2.73
N ALA B 56 36.46 25.99 -3.58
CA ALA B 56 36.34 27.40 -3.21
C ALA B 56 34.90 27.76 -2.91
N ASP B 57 34.72 28.93 -2.31
CA ASP B 57 33.41 29.42 -1.97
C ASP B 57 33.30 30.75 -2.70
N ILE B 58 32.77 30.72 -3.91
CA ILE B 58 32.62 31.94 -4.69
C ILE B 58 31.33 32.64 -4.29
N PRO B 59 31.43 33.65 -3.41
CA PRO B 59 30.29 34.42 -2.91
C PRO B 59 29.62 35.30 -3.98
N ASN B 60 30.42 35.84 -4.90
CA ASN B 60 29.89 36.70 -5.97
C ASN B 60 29.74 35.88 -7.25
N ASP B 61 28.58 35.22 -7.38
CA ASP B 61 28.29 34.40 -8.53
C ASP B 61 26.84 34.57 -8.94
N SER B 62 26.50 35.78 -9.39
CA SER B 62 25.14 36.07 -9.83
C SER B 62 24.90 35.40 -11.17
N PRO B 63 23.65 35.00 -11.42
CA PRO B 63 23.24 34.32 -12.66
C PRO B 63 23.70 34.97 -13.96
N PHE B 64 24.11 34.13 -14.90
CA PHE B 64 24.55 34.52 -16.23
C PHE B 64 23.28 34.28 -17.02
N GLN B 65 22.54 35.36 -17.26
CA GLN B 65 21.26 35.31 -17.95
C GLN B 65 20.39 34.39 -17.11
N ILE B 66 20.17 33.20 -17.66
CA ILE B 66 19.37 32.15 -17.06
C ILE B 66 20.20 31.19 -16.20
N VAL B 67 21.47 31.00 -16.54
CA VAL B 67 22.33 30.05 -15.80
C VAL B 67 22.66 30.43 -14.37
N LYS B 68 22.58 29.45 -13.46
CA LYS B 68 22.86 29.66 -12.04
C LYS B 68 24.22 29.12 -11.58
N ASN B 69 24.87 29.86 -10.70
CA ASN B 69 26.18 29.53 -10.13
C ASN B 69 27.22 29.01 -11.13
N PRO B 70 27.39 29.71 -12.26
CA PRO B 70 28.36 29.30 -13.30
C PRO B 70 29.83 29.28 -12.89
N ARG B 71 30.27 30.33 -12.19
CA ARG B 71 31.65 30.43 -11.75
C ARG B 71 31.95 29.35 -10.72
N SER B 72 30.92 28.98 -9.96
CA SER B 72 31.06 27.93 -8.95
C SER B 72 31.17 26.59 -9.67
N VAL B 73 30.32 26.39 -10.68
CA VAL B 73 30.35 25.15 -11.45
C VAL B 73 31.65 25.04 -12.27
N GLY B 74 32.04 26.12 -12.94
CA GLY B 74 33.25 26.11 -13.76
C GLY B 74 34.57 25.77 -13.07
N LYS B 75 34.86 26.45 -11.96
CA LYS B 75 36.12 26.22 -11.24
C LYS B 75 36.13 24.87 -10.55
N ALA B 76 34.96 24.39 -10.20
CA ALA B 76 34.83 23.10 -9.53
C ALA B 76 35.17 21.99 -10.51
N SER B 77 34.60 22.06 -11.71
CA SER B 77 34.85 21.05 -12.72
C SER B 77 36.23 21.25 -13.35
N GLU B 78 36.71 22.49 -13.37
CA GLU B 78 38.04 22.76 -13.91
C GLU B 78 39.05 22.15 -12.95
N GLN B 79 38.75 22.33 -11.67
CA GLN B 79 39.57 21.83 -10.59
C GLN B 79 39.61 20.30 -10.60
N LEU B 80 38.46 19.69 -10.82
CA LEU B 80 38.37 18.24 -10.87
C LEU B 80 39.14 17.69 -12.07
N ALA B 81 39.18 18.47 -13.15
CA ALA B 81 39.88 18.06 -14.36
C ALA B 81 41.36 17.81 -14.06
N GLY B 82 42.03 18.79 -13.46
CA GLY B 82 43.43 18.64 -13.14
C GLY B 82 43.70 17.37 -12.34
N LYS B 83 42.95 17.19 -11.25
CA LYS B 83 43.10 16.01 -10.41
C LYS B 83 42.76 14.71 -11.16
N VAL B 84 41.74 14.77 -12.00
CA VAL B 84 41.37 13.61 -12.81
C VAL B 84 42.56 13.33 -13.74
N ALA B 85 43.00 14.37 -14.43
CA ALA B 85 44.13 14.25 -15.35
C ALA B 85 45.32 13.61 -14.65
N GLU B 86 45.57 14.02 -13.41
CA GLU B 86 46.67 13.47 -12.62
C GLU B 86 46.52 11.97 -12.40
N VAL B 87 45.44 11.55 -11.78
CA VAL B 87 45.21 10.14 -11.48
C VAL B 87 45.40 9.28 -12.74
N LYS B 88 44.86 9.69 -13.88
CA LYS B 88 45.02 8.91 -15.09
C LYS B 88 46.35 9.20 -15.74
N LYS B 89 46.93 10.33 -15.33
CA LYS B 89 48.54 10.24 -15.43
C LYS B 89 49.35 9.20 -14.66
N ASN B 90 48.67 8.54 -13.73
CA ASN B 90 49.28 7.49 -12.92
C ASN B 90 48.90 6.15 -13.54
N GLY B 91 47.84 6.16 -14.32
CA GLY B 91 47.38 4.93 -14.94
C GLY B 91 46.50 4.22 -13.95
N ARG B 92 45.78 5.02 -13.18
CA ARG B 92 44.86 4.52 -12.16
C ARG B 92 43.47 4.92 -12.64
N ILE B 93 42.52 3.98 -12.60
CA ILE B 93 41.15 4.29 -13.01
C ILE B 93 40.66 5.40 -12.07
N SER B 94 40.13 6.47 -12.63
CA SER B 94 39.64 7.57 -11.83
C SER B 94 38.22 7.29 -11.32
N LEU B 95 38.01 7.45 -10.01
CA LEU B 95 36.69 7.23 -9.42
C LEU B 95 36.20 8.48 -8.71
N VAL B 96 35.23 9.16 -9.33
CA VAL B 96 34.70 10.38 -8.76
C VAL B 96 33.36 10.23 -8.08
N LEU B 97 33.40 10.34 -6.75
CA LEU B 97 32.18 10.27 -5.97
C LEU B 97 31.82 11.74 -5.91
N GLY B 98 30.88 12.15 -6.74
CA GLY B 98 30.54 13.55 -6.75
C GLY B 98 29.29 13.95 -6.05
N GLY B 99 28.86 15.15 -6.41
CA GLY B 99 27.64 15.72 -5.89
C GLY B 99 26.73 15.66 -7.08
N ASP B 100 26.43 16.81 -7.68
CA ASP B 100 25.58 16.86 -8.85
C ASP B 100 26.42 16.57 -10.10
N HIS B 101 25.74 16.05 -11.11
CA HIS B 101 26.31 15.65 -12.39
C HIS B 101 27.08 16.73 -13.18
N SER B 102 26.94 18.00 -12.80
CA SER B 102 27.65 19.06 -13.51
C SER B 102 29.17 18.80 -13.49
N LEU B 103 29.63 18.12 -12.44
CA LEU B 103 31.05 17.81 -12.25
C LEU B 103 31.62 16.96 -13.37
N ALA B 104 30.74 16.38 -14.18
CA ALA B 104 31.13 15.55 -15.29
C ALA B 104 31.91 16.37 -16.31
N ILE B 105 31.64 17.68 -16.37
CA ILE B 105 32.36 18.52 -17.31
C ILE B 105 33.85 18.48 -17.03
N GLY B 106 34.23 18.56 -15.77
CA GLY B 106 35.66 18.54 -15.46
C GLY B 106 36.21 17.13 -15.47
N SER B 107 35.35 16.20 -15.08
CA SER B 107 35.69 14.79 -15.00
C SER B 107 36.13 14.22 -16.34
N ILE B 108 35.27 14.40 -17.34
CA ILE B 108 35.49 13.89 -18.69
C ILE B 108 36.57 14.68 -19.43
N SER B 109 36.80 15.92 -19.03
CA SER B 109 37.84 16.74 -19.65
C SER B 109 39.23 16.33 -19.17
N GLY B 110 39.37 16.17 -17.86
CA GLY B 110 40.65 15.77 -17.28
C GLY B 110 41.10 14.40 -17.75
N HIS B 111 40.14 13.50 -17.88
CA HIS B 111 40.37 12.13 -18.35
C HIS B 111 40.84 12.18 -19.80
N ALA B 112 40.15 12.98 -20.60
CA ALA B 112 40.46 13.16 -22.01
C ALA B 112 41.84 13.75 -22.26
N ARG B 113 42.33 14.57 -21.33
CA ARG B 113 43.66 15.17 -21.47
C ARG B 113 44.71 14.06 -21.57
N VAL B 114 44.51 13.02 -20.79
CA VAL B 114 45.41 11.87 -20.76
C VAL B 114 45.11 10.89 -21.89
N HIS B 115 43.83 10.69 -22.17
CA HIS B 115 43.41 9.78 -23.22
C HIS B 115 42.40 10.46 -24.12
N PRO B 116 42.87 11.36 -24.98
CA PRO B 116 41.96 12.07 -25.89
C PRO B 116 41.01 11.19 -26.69
N ASP B 117 41.26 9.88 -26.68
CA ASP B 117 40.47 8.92 -27.46
C ASP B 117 39.33 8.16 -26.75
N LEU B 118 39.11 8.44 -25.48
CA LEU B 118 38.09 7.75 -24.69
C LEU B 118 36.65 7.70 -25.22
N GLY B 119 35.93 6.69 -24.76
CA GLY B 119 34.54 6.52 -25.12
C GLY B 119 33.70 6.83 -23.89
N VAL B 120 32.53 7.40 -24.09
CA VAL B 120 31.69 7.75 -22.98
C VAL B 120 30.38 7.01 -22.98
N ILE B 121 30.03 6.45 -21.83
CA ILE B 121 28.76 5.76 -21.67
C ILE B 121 28.04 6.57 -20.63
N TRP B 122 26.83 7.00 -20.95
CA TRP B 122 26.05 7.85 -20.06
C TRP B 122 24.75 7.18 -19.58
N VAL B 123 24.80 6.63 -18.36
CA VAL B 123 23.65 6.00 -17.74
C VAL B 123 22.92 7.14 -16.99
N ASP B 124 21.67 7.41 -17.39
CA ASP B 124 20.91 8.52 -16.81
C ASP B 124 19.45 8.52 -17.31
N ALA B 125 18.56 9.15 -16.56
CA ALA B 125 17.16 9.25 -16.96
C ALA B 125 17.04 10.48 -17.86
N HIS B 126 18.06 11.32 -17.77
CA HIS B 126 18.12 12.54 -18.54
C HIS B 126 19.39 12.49 -19.36
N THR B 127 19.43 13.31 -20.41
CA THR B 127 20.60 13.36 -21.29
C THR B 127 21.49 14.52 -20.92
N ASP B 128 21.01 15.35 -19.99
CA ASP B 128 21.74 16.53 -19.50
C ASP B 128 22.54 17.21 -20.59
N ILE B 129 21.87 17.53 -21.69
CA ILE B 129 22.56 18.16 -22.80
C ILE B 129 21.95 19.50 -23.18
N ASN B 130 21.43 20.21 -22.18
CA ASN B 130 20.86 21.54 -22.39
C ASN B 130 22.01 22.56 -22.38
N THR B 131 21.83 23.62 -23.15
CA THR B 131 22.81 24.69 -23.22
C THR B 131 22.24 25.84 -22.40
N PRO B 132 23.06 26.87 -22.11
CA PRO B 132 22.51 27.97 -21.33
C PRO B 132 21.40 28.65 -22.11
N LEU B 133 21.39 28.39 -23.42
CA LEU B 133 20.38 28.97 -24.32
C LEU B 133 19.19 28.05 -24.53
N THR B 134 19.27 26.84 -24.00
CA THR B 134 18.17 25.91 -24.14
C THR B 134 17.56 25.54 -22.78
N THR B 135 18.40 25.50 -21.74
CA THR B 135 17.92 25.13 -20.41
C THR B 135 17.01 26.22 -19.85
N THR B 136 16.02 25.80 -19.08
CA THR B 136 15.09 26.73 -18.45
C THR B 136 15.35 26.70 -16.95
N SER B 137 15.65 25.51 -16.42
CA SER B 137 15.95 25.37 -15.01
C SER B 137 17.15 26.26 -14.68
N GLY B 138 18.16 26.21 -15.53
CA GLY B 138 19.36 26.99 -15.31
C GLY B 138 20.36 26.25 -14.46
N ASN B 139 20.01 25.02 -14.09
CA ASN B 139 20.88 24.19 -13.26
C ASN B 139 21.87 23.51 -14.16
N LEU B 140 23.15 23.76 -13.91
CA LEU B 140 24.17 23.17 -14.72
C LEU B 140 24.33 21.64 -14.60
N HIS B 141 23.64 21.01 -13.65
CA HIS B 141 23.74 19.55 -13.52
C HIS B 141 22.92 18.89 -14.63
N GLY B 142 22.33 19.70 -15.50
CA GLY B 142 21.53 19.19 -16.60
C GLY B 142 21.99 19.80 -17.92
N GLN B 143 23.26 20.20 -17.98
CA GLN B 143 23.86 20.79 -19.19
C GLN B 143 25.27 20.25 -19.52
N PRO B 144 25.98 19.62 -18.56
CA PRO B 144 27.34 19.11 -18.80
C PRO B 144 27.69 18.50 -20.14
N VAL B 145 26.76 17.76 -20.74
CA VAL B 145 27.07 17.14 -22.02
C VAL B 145 27.28 18.17 -23.13
N SER B 146 26.50 19.24 -23.10
CA SER B 146 26.61 20.28 -24.11
C SER B 146 27.97 20.97 -24.12
N PHE B 147 28.60 21.10 -22.96
CA PHE B 147 29.90 21.75 -22.85
C PHE B 147 31.08 20.92 -23.33
N LEU B 148 30.88 19.62 -23.48
CA LEU B 148 31.94 18.71 -23.89
C LEU B 148 31.89 18.32 -25.38
N LEU B 149 30.76 18.53 -26.04
CA LEU B 149 30.64 18.17 -27.46
C LEU B 149 31.24 19.18 -28.44
N LYS B 150 32.04 18.66 -29.36
CA LYS B 150 32.69 19.48 -30.38
C LYS B 150 31.69 20.07 -31.37
N GLU B 151 30.58 19.38 -31.57
CA GLU B 151 29.55 19.81 -32.51
C GLU B 151 28.78 21.05 -32.10
N LEU B 152 28.47 21.16 -30.80
CA LEU B 152 27.72 22.30 -30.28
C LEU B 152 28.65 23.48 -30.04
N LYS B 153 29.88 23.33 -30.54
CA LYS B 153 30.91 24.36 -30.44
C LYS B 153 30.63 25.41 -31.51
N GLY B 154 29.55 26.16 -31.28
CA GLY B 154 29.14 27.20 -32.19
C GLY B 154 27.78 27.68 -31.71
N LYS B 155 27.35 27.13 -30.58
CA LYS B 155 26.06 27.49 -30.01
C LYS B 155 26.33 27.98 -28.59
N ILE B 156 26.90 27.10 -27.77
CA ILE B 156 27.22 27.41 -26.39
C ILE B 156 27.85 28.80 -26.24
N PRO B 157 27.27 29.65 -25.38
CA PRO B 157 27.81 31.00 -25.18
C PRO B 157 28.89 31.04 -24.07
N ASP B 158 29.66 32.13 -24.03
CA ASP B 158 30.71 32.31 -23.03
C ASP B 158 30.18 32.47 -21.60
N VAL B 159 30.07 31.36 -20.88
CA VAL B 159 29.58 31.39 -19.50
C VAL B 159 30.71 31.57 -18.50
N PRO B 160 30.69 32.66 -17.71
CA PRO B 160 31.75 32.90 -16.73
C PRO B 160 32.08 31.62 -15.95
N GLY B 161 33.38 31.30 -15.93
CA GLY B 161 33.86 30.12 -15.24
C GLY B 161 34.18 28.95 -16.18
N PHE B 162 33.85 29.07 -17.46
CA PHE B 162 34.08 27.98 -18.40
C PHE B 162 35.03 28.24 -19.58
N SER B 163 35.78 29.34 -19.56
CA SER B 163 36.71 29.61 -20.66
C SER B 163 37.78 28.52 -20.74
N TRP B 164 38.01 27.84 -19.61
CA TRP B 164 39.01 26.78 -19.56
C TRP B 164 38.52 25.53 -20.28
N VAL B 165 37.20 25.44 -20.50
CA VAL B 165 36.63 24.28 -21.16
C VAL B 165 36.92 24.21 -22.63
N THR B 166 37.15 22.99 -23.09
CA THR B 166 37.41 22.71 -24.49
C THR B 166 36.69 21.40 -24.85
N PRO B 167 35.75 21.45 -25.80
CA PRO B 167 34.98 20.27 -26.24
C PRO B 167 35.91 19.10 -26.58
N CYS B 168 35.76 18.00 -25.87
CA CYS B 168 36.63 16.86 -26.08
C CYS B 168 36.05 15.60 -26.72
N ILE B 169 34.75 15.59 -27.02
CA ILE B 169 34.19 14.40 -27.64
C ILE B 169 33.09 14.74 -28.63
N SER B 170 32.88 13.84 -29.58
CA SER B 170 31.85 14.01 -30.60
C SER B 170 30.72 12.98 -30.44
N ALA B 171 29.60 13.24 -31.09
CA ALA B 171 28.44 12.35 -31.02
C ALA B 171 28.81 10.88 -31.16
N LYS B 172 29.78 10.58 -32.00
CA LYS B 172 30.20 9.20 -32.23
C LYS B 172 31.18 8.69 -31.15
N ASP B 173 31.08 9.24 -29.95
CA ASP B 173 31.94 8.81 -28.85
C ASP B 173 31.12 8.65 -27.57
N ILE B 174 29.83 8.93 -27.65
CA ILE B 174 28.97 8.80 -26.48
C ILE B 174 27.71 7.94 -26.74
N VAL B 175 27.26 7.28 -25.68
CA VAL B 175 26.08 6.44 -25.74
C VAL B 175 25.29 6.69 -24.44
N TYR B 176 24.00 6.98 -24.59
CA TYR B 176 23.12 7.21 -23.47
C TYR B 176 22.36 5.91 -23.20
N ILE B 177 22.09 5.63 -21.94
CA ILE B 177 21.34 4.42 -21.54
C ILE B 177 20.44 4.74 -20.34
N GLY B 178 19.13 4.48 -20.48
CA GLY B 178 18.18 4.71 -19.41
C GLY B 178 17.32 5.97 -19.53
N LEU B 179 17.48 6.68 -20.64
CA LEU B 179 16.75 7.93 -20.86
C LEU B 179 15.22 7.82 -20.85
N ARG B 180 14.59 8.57 -19.95
CA ARG B 180 13.15 8.55 -19.86
C ARG B 180 12.53 9.92 -19.56
N ASP B 181 13.38 10.96 -19.46
CA ASP B 181 12.92 12.34 -19.20
C ASP B 181 13.85 13.31 -19.96
N VAL B 182 13.66 13.35 -21.28
CA VAL B 182 14.47 14.19 -22.17
C VAL B 182 13.67 15.39 -22.67
N ASP B 183 14.30 16.56 -22.64
CA ASP B 183 13.63 17.78 -23.09
C ASP B 183 13.58 17.93 -24.61
N PRO B 184 12.62 18.72 -25.11
CA PRO B 184 12.50 18.91 -26.56
C PRO B 184 13.82 19.42 -27.15
N GLY B 185 14.42 20.42 -26.51
CA GLY B 185 15.69 20.94 -26.98
C GLY B 185 16.69 19.82 -27.05
N GLU B 186 16.87 19.13 -25.93
CA GLU B 186 17.80 18.01 -25.85
C GLU B 186 17.45 16.99 -26.92
N HIS B 187 16.15 16.81 -27.16
CA HIS B 187 15.69 15.85 -28.14
C HIS B 187 16.02 16.34 -29.54
N TYR B 188 15.79 17.63 -29.78
CA TYR B 188 16.08 18.24 -31.08
C TYR B 188 17.55 18.00 -31.43
N ILE B 189 18.39 18.16 -30.42
CA ILE B 189 19.84 17.98 -30.52
C ILE B 189 20.15 16.50 -30.74
N LEU B 190 19.49 15.64 -29.99
CA LEU B 190 19.72 14.21 -30.12
C LEU B 190 19.64 13.75 -31.55
N LYS B 191 18.48 14.01 -32.15
CA LYS B 191 18.20 13.63 -33.52
C LYS B 191 19.03 14.39 -34.54
N THR B 192 19.33 15.66 -34.28
CA THR B 192 20.09 16.43 -35.25
C THR B 192 21.54 16.00 -35.35
N LEU B 193 22.20 15.84 -34.22
CA LEU B 193 23.59 15.45 -34.21
C LEU B 193 23.78 13.94 -34.30
N GLY B 194 22.72 13.23 -34.69
CA GLY B 194 22.78 11.77 -34.82
C GLY B 194 23.40 11.00 -33.66
N ILE B 195 23.04 11.37 -32.44
CA ILE B 195 23.59 10.73 -31.23
C ILE B 195 23.08 9.31 -30.88
N LYS B 196 24.02 8.45 -30.48
CA LYS B 196 23.69 7.08 -30.12
C LYS B 196 23.06 7.05 -28.75
N TYR B 197 21.88 6.45 -28.63
CA TYR B 197 21.20 6.39 -27.35
C TYR B 197 20.24 5.22 -27.25
N PHE B 198 19.99 4.79 -26.02
CA PHE B 198 19.05 3.71 -25.75
C PHE B 198 18.20 4.19 -24.59
N SER B 199 17.02 4.69 -24.93
CA SER B 199 16.09 5.19 -23.92
C SER B 199 15.46 3.96 -23.29
N MET B 200 14.61 4.16 -22.29
CA MET B 200 13.98 3.01 -21.65
C MET B 200 13.17 2.20 -22.67
N THR B 201 12.77 2.86 -23.75
CA THR B 201 12.00 2.23 -24.82
C THR B 201 12.81 1.14 -25.52
N GLU B 202 14.07 1.42 -25.79
CA GLU B 202 14.94 0.47 -26.46
C GLU B 202 15.30 -0.69 -25.55
N VAL B 203 15.45 -0.41 -24.27
CA VAL B 203 15.78 -1.44 -23.30
C VAL B 203 14.62 -2.44 -23.27
N ASP B 204 13.40 -1.93 -23.21
CA ASP B 204 12.21 -2.78 -23.19
C ASP B 204 12.10 -3.57 -24.48
N ARG B 205 12.54 -2.96 -25.59
CA ARG B 205 12.49 -3.57 -26.92
C ARG B 205 13.52 -4.67 -27.13
N LEU B 206 14.78 -4.34 -26.93
CA LEU B 206 15.88 -5.26 -27.15
C LEU B 206 16.32 -6.06 -25.93
N GLY B 207 16.20 -5.46 -24.76
CA GLY B 207 16.63 -6.13 -23.55
C GLY B 207 17.98 -5.52 -23.21
N ILE B 208 18.32 -5.45 -21.92
CA ILE B 208 19.59 -4.87 -21.50
C ILE B 208 20.78 -5.62 -22.11
N GLY B 209 20.65 -6.94 -22.26
CA GLY B 209 21.72 -7.71 -22.86
C GLY B 209 22.04 -7.20 -24.26
N LYS B 210 21.08 -7.31 -25.17
CA LYS B 210 21.27 -6.84 -26.52
C LYS B 210 21.81 -5.42 -26.42
N VAL B 211 21.01 -4.56 -25.79
CA VAL B 211 21.31 -3.15 -25.57
C VAL B 211 22.77 -2.86 -25.24
N MET B 212 23.36 -3.64 -24.33
CA MET B 212 24.77 -3.46 -23.95
C MET B 212 25.73 -3.91 -25.03
N GLU B 213 25.36 -4.98 -25.74
CA GLU B 213 26.21 -5.51 -26.78
C GLU B 213 26.34 -4.51 -27.91
N GLU B 214 25.32 -3.68 -28.07
CA GLU B 214 25.30 -2.69 -29.11
C GLU B 214 26.09 -1.45 -28.75
N THR B 215 25.97 -1.00 -27.50
CA THR B 215 26.71 0.20 -27.11
C THR B 215 28.20 -0.11 -27.14
N LEU B 216 28.54 -1.37 -26.88
CA LEU B 216 29.94 -1.79 -26.88
C LEU B 216 30.43 -1.91 -28.30
N SER B 217 29.63 -2.57 -29.14
CA SER B 217 29.96 -2.75 -30.53
C SER B 217 30.01 -1.35 -31.12
N TYR B 218 29.19 -0.46 -30.56
CA TYR B 218 29.13 0.91 -31.04
C TYR B 218 30.39 1.68 -30.69
N LEU B 219 30.76 1.69 -29.41
CA LEU B 219 31.93 2.41 -28.98
C LEU B 219 33.29 1.81 -29.33
N LEU B 220 33.35 0.49 -29.48
CA LEU B 220 34.61 -0.16 -29.79
C LEU B 220 34.65 -0.83 -31.16
N GLY B 221 34.13 -0.13 -32.16
CA GLY B 221 34.12 -0.66 -33.51
C GLY B 221 35.50 -0.48 -34.11
N ARG B 222 35.85 0.76 -34.45
CA ARG B 222 37.15 1.10 -35.02
C ARG B 222 38.22 0.33 -34.26
N LYS B 223 38.47 0.77 -33.02
CA LYS B 223 39.46 0.16 -32.16
C LYS B 223 39.05 0.19 -30.70
N LYS B 224 39.81 -0.54 -29.89
CA LYS B 224 39.56 -0.59 -28.47
C LYS B 224 40.07 0.75 -27.96
N ARG B 225 39.33 1.37 -27.04
CA ARG B 225 39.71 2.67 -26.48
C ARG B 225 39.28 2.80 -25.03
N PRO B 226 39.99 3.66 -24.27
CA PRO B 226 39.66 3.87 -22.85
C PRO B 226 38.21 4.32 -22.70
N ILE B 227 37.49 3.72 -21.75
CA ILE B 227 36.08 4.04 -21.53
C ILE B 227 35.85 4.93 -20.32
N HIS B 228 34.80 5.74 -20.40
CA HIS B 228 34.38 6.62 -19.32
C HIS B 228 32.89 6.44 -19.10
N LEU B 229 32.52 6.02 -17.90
CA LEU B 229 31.10 5.83 -17.55
C LEU B 229 30.60 6.93 -16.58
N SER B 230 29.62 7.73 -17.02
CA SER B 230 29.03 8.80 -16.20
C SER B 230 27.72 8.23 -15.68
N PHE B 231 27.75 7.80 -14.43
CA PHE B 231 26.61 7.17 -13.81
C PHE B 231 25.80 8.06 -12.88
N ASP B 232 24.68 8.55 -13.41
CA ASP B 232 23.76 9.38 -12.64
C ASP B 232 22.89 8.33 -11.96
N VAL B 233 22.89 8.35 -10.63
CA VAL B 233 22.13 7.36 -9.88
C VAL B 233 20.61 7.40 -10.15
N ASP B 234 20.13 8.51 -10.69
CA ASP B 234 18.70 8.61 -10.97
C ASP B 234 18.38 7.81 -12.22
N GLY B 235 19.41 7.31 -12.88
CA GLY B 235 19.25 6.49 -14.06
C GLY B 235 18.58 5.20 -13.68
N LEU B 236 18.79 4.77 -12.44
CA LEU B 236 18.16 3.56 -11.94
C LEU B 236 16.78 3.96 -11.48
N ASP B 237 15.89 2.99 -11.35
CA ASP B 237 14.53 3.28 -10.92
C ASP B 237 14.51 3.74 -9.45
N PRO B 238 13.68 4.75 -9.15
CA PRO B 238 13.54 5.31 -7.80
C PRO B 238 13.26 4.31 -6.67
N SER B 239 12.84 3.10 -7.01
CA SER B 239 12.55 2.08 -6.00
C SER B 239 13.88 1.47 -5.57
N PHE B 240 14.95 1.97 -6.17
CA PHE B 240 16.30 1.50 -5.88
C PHE B 240 17.16 2.66 -5.41
N THR B 241 16.99 3.79 -6.05
CA THR B 241 17.78 4.96 -5.72
C THR B 241 16.90 6.18 -5.45
N PRO B 242 16.13 6.13 -4.36
CA PRO B 242 15.23 7.23 -3.96
C PRO B 242 15.91 8.55 -3.61
N ALA B 243 17.01 8.48 -2.88
CA ALA B 243 17.75 9.66 -2.46
C ALA B 243 18.60 10.33 -3.54
N THR B 244 17.92 10.95 -4.51
CA THR B 244 18.59 11.66 -5.60
C THR B 244 17.71 12.84 -6.01
N GLY B 245 18.35 13.89 -6.53
CA GLY B 245 17.62 15.07 -6.94
C GLY B 245 16.42 14.89 -7.86
N THR B 246 16.62 14.28 -9.04
CA THR B 246 15.53 14.13 -10.01
C THR B 246 15.09 12.71 -10.43
N PRO B 247 14.28 12.03 -9.58
CA PRO B 247 13.76 10.68 -9.80
C PRO B 247 12.63 10.63 -10.83
N VAL B 248 12.58 9.53 -11.57
CA VAL B 248 11.55 9.35 -12.59
C VAL B 248 11.13 7.88 -12.69
N VAL B 249 9.82 7.63 -12.67
CA VAL B 249 9.27 6.27 -12.76
C VAL B 249 9.71 5.58 -14.04
N GLY B 250 9.73 4.25 -14.00
CA GLY B 250 10.10 3.45 -15.16
C GLY B 250 11.58 3.51 -15.50
N GLY B 251 12.40 3.19 -14.50
CA GLY B 251 13.84 3.23 -14.69
C GLY B 251 14.52 1.88 -14.75
N LEU B 252 15.85 1.94 -14.78
CA LEU B 252 16.65 0.74 -14.84
C LEU B 252 16.49 -0.08 -13.58
N THR B 253 16.59 -1.39 -13.75
CA THR B 253 16.44 -2.32 -12.67
C THR B 253 17.76 -2.44 -11.93
N TYR B 254 17.68 -2.86 -10.67
CA TYR B 254 18.86 -3.06 -9.87
C TYR B 254 19.73 -3.98 -10.73
N ARG B 255 19.12 -5.06 -11.18
CA ARG B 255 19.80 -6.05 -12.01
C ARG B 255 20.38 -5.44 -13.29
N GLN B 256 19.60 -4.66 -14.05
CA GLN B 256 20.12 -4.02 -15.26
C GLN B 256 21.25 -3.09 -14.84
N GLY B 257 21.09 -2.47 -13.67
CA GLY B 257 22.12 -1.59 -13.15
C GLY B 257 23.41 -2.35 -13.02
N LEU B 258 23.32 -3.58 -12.53
CA LEU B 258 24.50 -4.42 -12.35
C LEU B 258 24.93 -5.04 -13.66
N TYR B 259 23.97 -5.39 -14.51
CA TYR B 259 24.29 -5.99 -15.80
C TYR B 259 25.21 -5.08 -16.64
N ILE B 260 24.83 -3.81 -16.76
CA ILE B 260 25.62 -2.86 -17.52
C ILE B 260 27.06 -2.74 -17.02
N THR B 261 27.20 -2.64 -15.70
CA THR B 261 28.52 -2.49 -15.07
C THR B 261 29.38 -3.73 -14.99
N GLU B 262 28.75 -4.90 -15.04
CA GLU B 262 29.47 -6.16 -15.01
C GLU B 262 30.05 -6.34 -16.38
N GLU B 263 29.38 -5.76 -17.36
CA GLU B 263 29.83 -5.85 -18.74
C GLU B 263 30.96 -4.86 -18.99
N ILE B 264 30.86 -3.68 -18.37
CA ILE B 264 31.87 -2.67 -18.55
C ILE B 264 33.17 -3.19 -18.01
N TYR B 265 33.10 -3.83 -16.84
CA TYR B 265 34.30 -4.35 -16.23
C TYR B 265 34.89 -5.46 -17.08
N LYS B 266 34.02 -6.28 -17.67
CA LYS B 266 34.48 -7.38 -18.50
C LYS B 266 35.20 -6.96 -19.77
N THR B 267 34.93 -5.75 -20.25
CA THR B 267 35.60 -5.25 -21.46
C THR B 267 37.08 -5.04 -21.11
N GLY B 268 37.31 -4.65 -19.86
CA GLY B 268 38.66 -4.42 -19.40
C GLY B 268 39.20 -3.05 -19.80
N LEU B 269 38.30 -2.19 -20.29
CA LEU B 269 38.68 -0.87 -20.73
C LEU B 269 38.16 0.29 -19.88
N LEU B 270 37.55 -0.02 -18.73
CA LEU B 270 37.07 1.08 -17.91
C LEU B 270 38.27 1.94 -17.56
N SER B 271 38.10 3.25 -17.71
CA SER B 271 39.17 4.18 -17.44
C SER B 271 38.65 5.24 -16.47
N GLY B 272 37.48 5.78 -16.78
CA GLY B 272 36.88 6.80 -15.94
C GLY B 272 35.52 6.42 -15.38
N LEU B 273 35.29 6.80 -14.13
CA LEU B 273 34.03 6.47 -13.49
C LEU B 273 33.43 7.64 -12.68
N ASP B 274 32.12 7.84 -12.84
CA ASP B 274 31.42 8.89 -12.12
C ASP B 274 30.17 8.31 -11.43
N ILE B 275 30.03 8.56 -10.13
CA ILE B 275 28.85 8.11 -9.40
C ILE B 275 28.25 9.42 -8.88
N MET B 276 27.26 9.95 -9.60
CA MET B 276 26.67 11.22 -9.26
C MET B 276 25.21 11.22 -8.83
N GLU B 277 24.80 12.39 -8.34
CA GLU B 277 23.43 12.65 -7.92
C GLU B 277 22.81 11.81 -6.81
N VAL B 278 23.58 11.57 -5.76
CA VAL B 278 23.05 10.83 -4.62
C VAL B 278 22.90 11.86 -3.51
N ASN B 279 21.65 12.20 -3.20
CA ASN B 279 21.34 13.19 -2.18
C ASN B 279 20.70 12.46 -1.01
N PRO B 280 21.51 12.02 -0.04
CA PRO B 280 21.07 11.28 1.15
C PRO B 280 20.02 11.98 2.02
N SER B 281 19.90 13.30 1.87
CA SER B 281 18.94 14.07 2.66
C SER B 281 17.59 14.16 1.99
N LEU B 282 17.49 13.61 0.78
CA LEU B 282 16.23 13.61 0.04
C LEU B 282 15.51 12.29 0.26
N GLY B 283 16.13 11.40 1.03
CA GLY B 283 15.54 10.11 1.35
C GLY B 283 14.49 10.28 2.43
N LYS B 284 13.25 9.93 2.10
CA LYS B 284 12.12 10.06 3.01
C LYS B 284 12.34 9.39 4.37
N THR B 285 12.80 8.14 4.36
CA THR B 285 13.05 7.42 5.60
C THR B 285 14.53 7.06 5.67
N PRO B 286 15.01 6.67 6.87
CA PRO B 286 16.42 6.31 7.00
C PRO B 286 16.84 5.09 6.14
N GLU B 287 15.86 4.32 5.67
CA GLU B 287 16.17 3.16 4.84
C GLU B 287 16.27 3.55 3.38
N GLU B 288 15.55 4.58 2.98
CA GLU B 288 15.60 5.04 1.59
C GLU B 288 17.03 5.50 1.30
N VAL B 289 17.61 6.19 2.28
CA VAL B 289 18.98 6.68 2.19
C VAL B 289 19.94 5.50 2.09
N THR B 290 19.77 4.55 3.00
CA THR B 290 20.61 3.38 3.04
C THR B 290 20.45 2.53 1.80
N ARG B 291 19.22 2.45 1.29
CA ARG B 291 18.92 1.66 0.12
C ARG B 291 19.66 2.26 -1.08
N THR B 292 19.63 3.58 -1.19
CA THR B 292 20.29 4.30 -2.28
C THR B 292 21.80 4.11 -2.25
N VAL B 293 22.41 4.50 -1.13
CA VAL B 293 23.85 4.37 -0.97
C VAL B 293 24.24 2.94 -1.34
N ASN B 294 23.59 1.97 -0.74
CA ASN B 294 23.89 0.55 -1.01
C ASN B 294 23.91 0.22 -2.48
N THR B 295 22.90 0.69 -3.20
CA THR B 295 22.79 0.43 -4.64
C THR B 295 23.96 1.11 -5.34
N ALA B 296 24.32 2.28 -4.83
CA ALA B 296 25.41 3.08 -5.37
C ALA B 296 26.76 2.37 -5.24
N VAL B 297 27.03 1.86 -4.04
CA VAL B 297 28.28 1.15 -3.79
C VAL B 297 28.37 -0.18 -4.58
N ALA B 298 27.22 -0.81 -4.80
CA ALA B 298 27.14 -2.08 -5.52
C ALA B 298 27.48 -1.91 -7.00
N ILE B 299 27.17 -0.74 -7.53
CA ILE B 299 27.45 -0.47 -8.94
C ILE B 299 28.93 -0.24 -9.15
N THR B 300 29.57 0.37 -8.16
CA THR B 300 31.00 0.64 -8.22
C THR B 300 31.79 -0.67 -8.07
N LEU B 301 31.31 -1.56 -7.21
CA LEU B 301 31.98 -2.82 -7.01
C LEU B 301 31.89 -3.65 -8.29
N ALA B 302 30.74 -3.55 -8.94
CA ALA B 302 30.47 -4.25 -10.18
C ALA B 302 31.49 -3.84 -11.25
N CYS B 303 31.77 -2.55 -11.33
CA CYS B 303 32.71 -2.03 -12.31
C CYS B 303 34.12 -2.55 -12.10
N PHE B 304 34.48 -2.78 -10.83
CA PHE B 304 35.80 -3.27 -10.49
C PHE B 304 35.94 -4.76 -10.21
N GLY B 305 35.02 -5.56 -10.78
CA GLY B 305 35.14 -7.00 -10.60
C GLY B 305 34.02 -7.84 -10.04
N LEU B 306 33.42 -7.40 -8.93
CA LEU B 306 32.36 -8.17 -8.28
C LEU B 306 31.30 -8.64 -9.25
N ALA B 307 31.25 -9.96 -9.48
CA ALA B 307 30.27 -10.54 -10.39
C ALA B 307 29.20 -11.29 -9.59
N ARG B 308 27.96 -11.22 -10.05
CA ARG B 308 26.89 -11.92 -9.35
C ARG B 308 27.10 -13.42 -9.35
N GLU B 309 27.76 -13.93 -10.38
CA GLU B 309 28.00 -15.36 -10.48
C GLU B 309 29.04 -15.81 -9.47
N GLY B 310 29.75 -14.84 -8.89
CA GLY B 310 30.75 -15.17 -7.91
C GLY B 310 32.16 -14.78 -8.35
N ASN B 311 33.09 -14.89 -7.40
CA ASN B 311 34.48 -14.57 -7.66
C ASN B 311 35.39 -15.42 -6.80
N HIS B 312 36.62 -15.62 -7.25
CA HIS B 312 37.55 -16.40 -6.46
C HIS B 312 39.00 -16.02 -6.72
N LYS B 313 39.78 -15.97 -5.65
CA LYS B 313 41.20 -15.62 -5.75
C LYS B 313 41.97 -16.76 -6.40
MN MN C . -28.39 -3.74 14.63
MN MN D . -30.90 -1.71 14.20
OXT S2C E . -24.50 4.18 16.45
N S2C E . -25.80 4.83 13.06
CA S2C E . -25.84 4.38 14.47
C S2C E . -24.46 4.57 15.17
O S2C E . -23.45 5.02 14.66
CB S2C E . -26.27 2.93 14.38
SG S2C E . -27.10 2.41 15.86
CD S2C E . -27.38 0.73 15.34
CE S2C E . -28.23 0.04 16.37
B S2C E . -28.57 -1.43 16.05
O1 S2C E . -27.62 -2.39 16.53
O2 S2C E . -29.82 -1.74 16.64
O3 S2C E . -28.71 -1.65 14.60
MN MN F . 22.61 13.35 -14.81
MN MN G . 19.53 12.42 -14.27
OXT S2C H . 18.03 20.77 -15.90
N S2C H . 15.74 18.90 -18.15
CA S2C H . 16.42 19.21 -16.89
C S2C H . 17.41 20.46 -17.03
O S2C H . 17.60 21.10 -18.04
CB S2C H . 17.08 17.89 -16.49
SG S2C H . 17.68 17.98 -14.80
CD S2C H . 18.36 16.35 -14.66
CE S2C H . 19.69 16.47 -13.98
B S2C H . 20.46 15.15 -13.74
O1 S2C H . 21.82 15.35 -13.31
O2 S2C H . 19.81 14.41 -12.72
O3 S2C H . 20.50 14.31 -14.92
#